data_5OXP
#
_entry.id   5OXP
#
_cell.length_a   101.600
_cell.length_b   110.100
_cell.length_c   107.900
_cell.angle_alpha   90.00
_cell.angle_beta   90.00
_cell.angle_gamma   90.00
#
_symmetry.space_group_name_H-M   'C 2 2 21'
#
loop_
_entity.id
_entity.type
_entity.pdbx_description
1 polymer 'Di-or tripeptide:H+ symporter'
2 non-polymer 'PHOSPHATE ION'
3 non-polymer 'PENTAETHYLENE GLYCOL'
4 non-polymer (2R)-2,3-DIHYDROXYPROPYL(7Z)-PENTADEC-7-ENOATE
5 non-polymer (2S)-2,3-DIHYDROXYPROPYL(7Z)-PENTADEC-7-ENOATE
6 water water
#
_entity_poly.entity_id   1
_entity_poly.type   'polypeptide(L)'
_entity_poly.pdbx_seq_one_letter_code
;MEDKGKTFFGQPLGLSTLFMTEMWERFSYYGMRAILLYYMWFLISTGDLHITRATAASIMAIYASMVYLSGTIGGFVADR
IIGARPAVFWGGVLIMLGHIVLALPFGASALFGSIILIIIGTGFLKPNVSTLVGTLYDEHDRRRDAGFSIFVFGINLGAF
IAPLIVGAAQEAAGYHVAFSLAAIGMFIGLLVYYFGGKKTLDPHYLRPTDPLAPEEVKPLLVKVSLAVAGFIAIIVVMNL
VGWNSLPAYINLLTIVAIAIPVFYFAWMISSVKVTSTEHLRVVSYIPLFIAAVLFWAIEEQGSVVLATFAAERVDSSWFP
VSWFQSLNPLFIMLYTPFFAWLWTAWKKNQPSSPTKFAVGLMFAGLSFLLMAIPGALYGTSGKVSPLWLVGSWALVILGE
MLISPVGLSVTTKLAPKAFNSQMMSMWFLSSSVGSALNAQLVTLYNAKSEVAYFSYFGLGSVVLGIVLVFLSKRIQGLMQ
GVEAENLYFQ
;
_entity_poly.pdbx_strand_id   A
#
loop_
_chem_comp.id
_chem_comp.type
_chem_comp.name
_chem_comp.formula
1PE non-polymer 'PENTAETHYLENE GLYCOL' 'C10 H22 O6'
78M non-polymer (2S)-2,3-DIHYDROXYPROPYL(7Z)-PENTADEC-7-ENOATE 'C18 H34 O4'
78N non-polymer (2R)-2,3-DIHYDROXYPROPYL(7Z)-PENTADEC-7-ENOATE 'C18 H34 O4'
PO4 non-polymer 'PHOSPHATE ION' 'O4 P -3'
#
# COMPACT_ATOMS: atom_id res chain seq x y z
N THR A 7 20.47 6.42 23.53
CA THR A 7 19.57 6.80 22.43
C THR A 7 19.59 5.78 21.29
N PHE A 8 18.63 5.89 20.39
CA PHE A 8 18.61 5.09 19.16
C PHE A 8 18.83 5.98 17.93
N PHE A 9 20.08 6.06 17.48
CA PHE A 9 20.53 7.00 16.45
C PHE A 9 20.12 8.43 16.79
N GLY A 10 20.38 8.84 18.03
CA GLY A 10 20.07 10.18 18.47
C GLY A 10 18.62 10.36 18.87
N GLN A 11 17.84 9.28 18.81
CA GLN A 11 16.41 9.33 19.13
C GLN A 11 16.09 8.54 20.41
N PRO A 12 14.93 8.79 21.04
CA PRO A 12 14.56 8.01 22.24
C PRO A 12 14.46 6.49 21.97
N LEU A 13 14.61 5.67 23.01
CA LEU A 13 14.56 4.22 22.86
C LEU A 13 13.16 3.71 22.45
N GLY A 14 12.15 4.54 22.61
CA GLY A 14 10.83 4.22 22.13
C GLY A 14 10.84 4.03 20.63
N LEU A 15 11.72 4.76 19.94
CA LEU A 15 11.78 4.65 18.48
C LEU A 15 12.11 3.23 18.08
N SER A 16 13.14 2.65 18.72
CA SER A 16 13.57 1.32 18.33
C SER A 16 12.42 0.30 18.56
N THR A 17 11.75 0.40 19.71
CA THR A 17 10.57 -0.40 19.99
C THR A 17 9.57 -0.32 18.84
N LEU A 18 9.21 0.90 18.43
CA LEU A 18 8.23 1.14 17.38
C LEU A 18 8.78 0.79 15.99
N PHE A 19 10.05 1.06 15.81
CA PHE A 19 10.79 0.63 14.64
C PHE A 19 10.67 -0.88 14.44
N MET A 20 11.17 -1.64 15.41
CA MET A 20 11.09 -3.10 15.35
C MET A 20 9.65 -3.63 15.21
N THR A 21 8.69 -2.97 15.86
CA THR A 21 7.32 -3.44 15.78
C THR A 21 6.85 -3.37 14.32
N GLU A 22 6.97 -2.20 13.69
CA GLU A 22 6.56 -2.04 12.29
C GLU A 22 7.42 -2.89 11.34
N MET A 23 8.71 -3.01 11.65
CA MET A 23 9.57 -3.82 10.82
C MET A 23 9.07 -5.27 10.72
N TRP A 24 8.63 -5.82 11.84
CA TRP A 24 8.16 -7.20 11.87
C TRP A 24 6.74 -7.35 11.32
N GLU A 25 5.89 -6.37 11.55
CA GLU A 25 4.63 -6.31 10.81
C GLU A 25 4.90 -6.29 9.31
N ARG A 26 5.80 -5.44 8.85
CA ARG A 26 6.07 -5.40 7.42
C ARG A 26 6.67 -6.70 6.91
N PHE A 27 7.48 -7.32 7.76
CA PHE A 27 8.03 -8.63 7.44
C PHE A 27 6.88 -9.61 7.20
N SER A 28 5.85 -9.60 8.05
CA SER A 28 4.80 -10.60 7.90
C SER A 28 3.97 -10.29 6.68
N TYR A 29 3.68 -9.01 6.48
CA TYR A 29 2.85 -8.58 5.37
C TYR A 29 3.49 -8.86 4.01
N TYR A 30 4.72 -8.39 3.81
CA TYR A 30 5.33 -8.55 2.49
C TYR A 30 5.88 -9.95 2.30
N GLY A 31 6.11 -10.67 3.37
CA GLY A 31 6.39 -12.09 3.27
C GLY A 31 5.21 -12.77 2.61
N MET A 32 4.02 -12.52 3.15
CA MET A 32 2.76 -13.03 2.59
C MET A 32 2.54 -12.53 1.14
N ARG A 33 2.71 -11.24 0.86
CA ARG A 33 2.46 -10.71 -0.50
C ARG A 33 3.37 -11.34 -1.57
N ALA A 34 4.56 -11.76 -1.17
CA ALA A 34 5.52 -12.26 -2.14
C ALA A 34 5.17 -13.67 -2.62
N ILE A 35 4.46 -14.44 -1.78
CA ILE A 35 4.09 -15.80 -2.17
C ILE A 35 2.58 -16.05 -2.33
N LEU A 36 1.73 -15.11 -1.93
CA LEU A 36 0.29 -15.37 -1.99
C LEU A 36 -0.26 -15.59 -3.41
N LEU A 37 0.23 -14.84 -4.41
CA LEU A 37 -0.31 -15.06 -5.74
C LEU A 37 0.12 -16.43 -6.27
N TYR A 38 1.37 -16.81 -6.02
CA TYR A 38 1.86 -18.11 -6.41
C TYR A 38 1.07 -19.23 -5.71
N TYR A 39 0.73 -18.97 -4.45
CA TYR A 39 -0.13 -19.84 -3.70
C TYR A 39 -1.47 -20.07 -4.39
N MET A 40 -2.14 -18.99 -4.76
CA MET A 40 -3.40 -19.12 -5.46
C MET A 40 -3.19 -19.85 -6.80
N TRP A 41 -2.14 -19.52 -7.56
CA TRP A 41 -1.79 -20.29 -8.76
C TRP A 41 -1.74 -21.80 -8.45
N PHE A 42 -1.11 -22.14 -7.33
CA PHE A 42 -0.95 -23.52 -6.92
C PHE A 42 -2.31 -24.16 -6.58
N LEU A 43 -3.16 -23.41 -5.88
CA LEU A 43 -4.50 -23.89 -5.56
C LEU A 43 -5.35 -24.09 -6.82
N ILE A 44 -5.14 -23.23 -7.81
CA ILE A 44 -5.81 -23.38 -9.10
C ILE A 44 -5.31 -24.64 -9.83
N SER A 45 -4.00 -24.83 -9.90
CA SER A 45 -3.47 -25.97 -10.67
C SER A 45 -3.97 -27.32 -10.09
N THR A 46 -4.05 -27.41 -8.76
CA THR A 46 -4.50 -28.64 -8.14
C THR A 46 -6.03 -28.79 -8.19
N GLY A 47 -6.73 -27.85 -8.83
CA GLY A 47 -8.17 -27.93 -8.94
C GLY A 47 -8.92 -27.46 -7.71
N ASP A 48 -8.19 -27.05 -6.67
CA ASP A 48 -8.80 -26.63 -5.39
C ASP A 48 -9.48 -25.26 -5.42
N LEU A 49 -8.92 -24.33 -6.20
CA LEU A 49 -9.48 -22.99 -6.31
C LEU A 49 -9.95 -22.77 -7.74
N HIS A 50 -11.26 -22.63 -7.92
CA HIS A 50 -11.80 -22.58 -9.27
C HIS A 50 -11.97 -21.15 -9.75
N ILE A 51 -10.85 -20.49 -10.01
CA ILE A 51 -10.87 -19.18 -10.62
C ILE A 51 -9.81 -19.14 -11.71
N THR A 52 -9.94 -18.18 -12.61
CA THR A 52 -8.87 -17.89 -13.54
C THR A 52 -7.73 -17.17 -12.83
N ARG A 53 -6.54 -17.26 -13.43
CA ARG A 53 -5.38 -16.54 -12.95
C ARG A 53 -5.58 -15.03 -12.97
N ALA A 54 -6.34 -14.56 -13.96
CA ALA A 54 -6.73 -13.17 -14.01
C ALA A 54 -7.45 -12.76 -12.73
N THR A 55 -8.42 -13.56 -12.28
CA THR A 55 -9.15 -13.25 -11.06
C THR A 55 -8.23 -13.31 -9.85
N ALA A 56 -7.30 -14.28 -9.83
CA ALA A 56 -6.34 -14.41 -8.73
C ALA A 56 -5.52 -13.15 -8.63
N ALA A 57 -5.08 -12.66 -9.80
CA ALA A 57 -4.40 -11.39 -9.90
C ALA A 57 -5.29 -10.26 -9.39
N SER A 58 -6.54 -10.28 -9.81
CA SER A 58 -7.48 -9.25 -9.40
C SER A 58 -7.65 -9.27 -7.88
N ILE A 59 -7.61 -10.45 -7.30
CA ILE A 59 -7.79 -10.61 -5.87
C ILE A 59 -6.65 -9.95 -5.10
N MET A 60 -5.42 -10.10 -5.60
CA MET A 60 -4.23 -9.51 -4.96
C MET A 60 -4.38 -8.01 -4.85
N ALA A 61 -4.89 -7.43 -5.94
CA ALA A 61 -5.12 -6.01 -6.05
C ALA A 61 -6.18 -5.46 -5.10
N ILE A 62 -7.35 -6.10 -5.05
CA ILE A 62 -8.43 -5.61 -4.21
C ILE A 62 -8.17 -5.87 -2.71
N TYR A 63 -7.43 -6.94 -2.44
CA TYR A 63 -6.93 -7.24 -1.10
C TYR A 63 -6.14 -6.03 -0.59
N ALA A 64 -5.13 -5.64 -1.37
CA ALA A 64 -4.31 -4.53 -1.01
C ALA A 64 -5.15 -3.25 -0.83
N SER A 65 -6.12 -3.06 -1.72
CA SER A 65 -6.96 -1.86 -1.70
C SER A 65 -7.71 -1.75 -0.38
N MET A 66 -8.32 -2.86 0.03
CA MET A 66 -9.06 -2.90 1.28
C MET A 66 -8.16 -2.69 2.48
N VAL A 67 -6.96 -3.25 2.43
CA VAL A 67 -5.93 -3.03 3.45
C VAL A 67 -5.65 -1.55 3.65
N TYR A 68 -5.39 -0.84 2.56
CA TYR A 68 -5.09 0.58 2.66
C TYR A 68 -6.35 1.41 2.98
N LEU A 69 -7.52 0.95 2.54
CA LEU A 69 -8.78 1.60 2.90
C LEU A 69 -8.99 1.54 4.43
N SER A 70 -8.83 0.33 4.95
CA SER A 70 -8.77 0.08 6.39
C SER A 70 -7.86 1.07 7.13
N GLY A 71 -6.69 1.35 6.55
CA GLY A 71 -5.75 2.28 7.15
C GLY A 71 -6.29 3.70 7.35
N THR A 72 -7.21 4.12 6.49
CA THR A 72 -7.76 5.46 6.59
C THR A 72 -8.66 5.61 7.80
N ILE A 73 -9.17 4.51 8.36
CA ILE A 73 -10.07 4.68 9.50
C ILE A 73 -9.48 4.19 10.82
N GLY A 74 -8.41 3.40 10.74
CA GLY A 74 -7.74 2.93 11.94
C GLY A 74 -7.26 4.05 12.86
N GLY A 75 -6.69 5.10 12.27
CA GLY A 75 -6.32 6.27 13.02
C GLY A 75 -7.47 6.76 13.88
N PHE A 76 -8.64 6.91 13.24
CA PHE A 76 -9.88 7.33 13.89
C PHE A 76 -10.29 6.40 15.02
N VAL A 77 -10.32 5.10 14.74
CA VAL A 77 -10.75 4.14 15.72
C VAL A 77 -9.88 4.21 16.98
N ALA A 78 -8.58 4.39 16.79
CA ALA A 78 -7.64 4.50 17.91
C ALA A 78 -7.79 5.80 18.69
N ASP A 79 -7.97 6.91 17.95
CA ASP A 79 -7.97 8.21 18.57
C ASP A 79 -9.24 8.50 19.35
N ARG A 80 -10.34 7.88 18.92
CA ARG A 80 -11.65 8.19 19.46
C ARG A 80 -12.27 7.07 20.29
N ILE A 81 -11.84 5.83 20.09
CA ILE A 81 -12.55 4.72 20.72
C ILE A 81 -11.67 3.79 21.57
N ILE A 82 -10.56 3.28 21.03
CA ILE A 82 -9.80 2.27 21.77
C ILE A 82 -8.37 2.61 22.19
N GLY A 83 -7.84 3.74 21.74
CA GLY A 83 -6.47 4.11 22.07
C GLY A 83 -5.43 3.61 21.06
N ALA A 84 -4.38 4.39 20.84
CA ALA A 84 -3.35 4.04 19.87
C ALA A 84 -2.61 2.76 20.25
N ARG A 85 -2.22 2.66 21.52
CA ARG A 85 -1.48 1.50 22.00
C ARG A 85 -2.29 0.18 21.94
N PRO A 86 -3.58 0.19 22.33
CA PRO A 86 -4.29 -1.08 22.07
C PRO A 86 -4.52 -1.37 20.57
N ALA A 87 -4.68 -0.33 19.75
CA ALA A 87 -4.85 -0.51 18.30
C ALA A 87 -3.68 -1.28 17.67
N VAL A 88 -2.45 -0.88 18.02
CA VAL A 88 -1.29 -1.55 17.48
C VAL A 88 -1.24 -3.00 17.97
N PHE A 89 -1.46 -3.19 19.28
CA PHE A 89 -1.43 -4.54 19.84
C PHE A 89 -2.49 -5.46 19.22
N TRP A 90 -3.77 -5.12 19.32
CA TRP A 90 -4.81 -6.01 18.79
C TRP A 90 -4.76 -6.04 17.26
N GLY A 91 -4.22 -5.01 16.64
CA GLY A 91 -3.98 -5.04 15.21
C GLY A 91 -2.95 -6.11 14.85
N GLY A 92 -1.88 -6.13 15.64
CA GLY A 92 -0.87 -7.15 15.49
C GLY A 92 -1.43 -8.55 15.70
N VAL A 93 -2.26 -8.73 16.72
CA VAL A 93 -2.86 -10.04 17.00
C VAL A 93 -3.68 -10.53 15.81
N LEU A 94 -4.52 -9.64 15.27
CA LEU A 94 -5.34 -9.99 14.11
C LEU A 94 -4.48 -10.35 12.89
N ILE A 95 -3.45 -9.55 12.60
CA ILE A 95 -2.51 -9.88 11.53
C ILE A 95 -1.89 -11.28 11.72
N MET A 96 -1.42 -11.56 12.93
CA MET A 96 -0.82 -12.86 13.21
C MET A 96 -1.81 -14.01 12.98
N LEU A 97 -3.06 -13.82 13.36
CA LEU A 97 -4.08 -14.84 13.14
C LEU A 97 -4.34 -15.04 11.66
N GLY A 98 -4.38 -13.93 10.93
CA GLY A 98 -4.50 -14.00 9.48
C GLY A 98 -3.46 -14.90 8.82
N HIS A 99 -2.22 -14.83 9.28
CA HIS A 99 -1.18 -15.68 8.70
C HIS A 99 -1.30 -17.12 9.18
N ILE A 100 -1.73 -17.26 10.43
CA ILE A 100 -1.94 -18.57 11.01
C ILE A 100 -3.02 -19.33 10.25
N VAL A 101 -4.06 -18.62 9.81
CA VAL A 101 -5.13 -19.27 9.05
C VAL A 101 -4.58 -19.92 7.79
N LEU A 102 -3.63 -19.27 7.10
CA LEU A 102 -3.00 -19.85 5.90
C LEU A 102 -1.94 -20.89 6.24
N ALA A 103 -1.49 -20.92 7.48
CA ALA A 103 -0.50 -21.93 7.85
C ALA A 103 -1.20 -23.25 8.18
N LEU A 104 -2.51 -23.19 8.37
CA LEU A 104 -3.27 -24.40 8.68
C LEU A 104 -3.45 -25.26 7.43
N PRO A 105 -3.46 -26.61 7.59
CA PRO A 105 -3.50 -27.52 6.43
C PRO A 105 -4.80 -27.46 5.65
N PHE A 106 -5.13 -26.27 5.16
CA PHE A 106 -6.34 -26.09 4.36
C PHE A 106 -6.01 -25.53 2.99
N GLY A 107 -7.04 -25.37 2.17
CA GLY A 107 -6.86 -24.85 0.83
C GLY A 107 -7.51 -23.50 0.62
N ALA A 108 -8.35 -23.42 -0.39
CA ALA A 108 -8.98 -22.16 -0.79
C ALA A 108 -9.91 -21.61 0.29
N SER A 109 -10.55 -22.51 1.03
CA SER A 109 -11.56 -22.11 2.02
C SER A 109 -11.02 -21.19 3.10
N ALA A 110 -9.70 -21.15 3.29
CA ALA A 110 -9.15 -20.32 4.36
C ALA A 110 -8.74 -18.92 3.84
N LEU A 111 -8.73 -18.74 2.53
CA LEU A 111 -8.33 -17.47 1.92
C LEU A 111 -9.13 -16.29 2.44
N PHE A 112 -10.45 -16.38 2.37
CA PHE A 112 -11.30 -15.24 2.73
C PHE A 112 -11.13 -14.85 4.21
N GLY A 113 -11.15 -15.85 5.09
CA GLY A 113 -10.94 -15.61 6.51
C GLY A 113 -9.59 -14.94 6.76
N SER A 114 -8.55 -15.43 6.10
CA SER A 114 -7.23 -14.82 6.18
C SER A 114 -7.21 -13.34 5.80
N ILE A 115 -7.84 -13.04 4.67
CA ILE A 115 -7.88 -11.73 4.11
C ILE A 115 -8.60 -10.74 5.02
N ILE A 116 -9.73 -11.15 5.59
CA ILE A 116 -10.48 -10.26 6.47
C ILE A 116 -9.70 -9.91 7.73
N LEU A 117 -9.06 -10.90 8.36
CA LEU A 117 -8.24 -10.66 9.56
C LEU A 117 -7.08 -9.67 9.31
N ILE A 118 -6.36 -9.87 8.21
CA ILE A 118 -5.23 -9.03 7.90
C ILE A 118 -5.73 -7.64 7.49
N ILE A 119 -6.85 -7.56 6.76
CA ILE A 119 -7.45 -6.25 6.46
C ILE A 119 -7.77 -5.50 7.75
N ILE A 120 -8.44 -6.15 8.69
CA ILE A 120 -8.78 -5.44 9.92
C ILE A 120 -7.51 -5.15 10.76
N GLY A 121 -6.66 -6.14 10.93
CA GLY A 121 -5.47 -5.93 11.75
C GLY A 121 -4.58 -4.83 11.21
N THR A 122 -4.34 -4.84 9.90
CA THR A 122 -3.46 -3.83 9.30
C THR A 122 -4.05 -2.43 9.40
N GLY A 123 -5.39 -2.31 9.33
CA GLY A 123 -6.05 -1.04 9.51
C GLY A 123 -5.83 -0.51 10.93
N PHE A 124 -5.81 -1.40 11.89
CA PHE A 124 -5.59 -0.98 13.27
C PHE A 124 -4.13 -0.64 13.53
N LEU A 125 -3.22 -1.45 12.98
CA LEU A 125 -1.83 -1.33 13.35
C LEU A 125 -1.07 -0.23 12.57
N LYS A 126 -1.12 -0.23 11.25
CA LYS A 126 -0.25 0.64 10.44
C LYS A 126 -0.38 2.15 10.73
N PRO A 127 -1.61 2.69 10.76
CA PRO A 127 -1.60 4.16 10.93
C PRO A 127 -1.20 4.57 12.33
N ASN A 128 -1.46 3.69 13.28
CA ASN A 128 -1.25 4.04 14.69
C ASN A 128 0.18 3.82 15.19
N VAL A 129 0.93 2.94 14.56
CA VAL A 129 2.33 2.81 14.96
C VAL A 129 3.02 4.11 14.58
N SER A 130 2.67 4.68 13.42
CA SER A 130 3.20 5.97 12.94
C SER A 130 2.90 7.11 13.92
N THR A 131 1.65 7.19 14.34
CA THR A 131 1.20 8.10 15.38
C THR A 131 2.04 8.00 16.65
N LEU A 132 2.27 6.78 17.14
CA LEU A 132 3.01 6.60 18.37
C LEU A 132 4.46 7.13 18.30
N VAL A 133 5.00 7.15 17.09
CA VAL A 133 6.34 7.71 16.86
C VAL A 133 6.36 9.18 17.25
N GLY A 134 5.32 9.92 16.85
CA GLY A 134 5.14 11.31 17.23
C GLY A 134 5.05 11.53 18.73
N THR A 135 4.45 10.58 19.44
CA THR A 135 4.26 10.73 20.89
C THR A 135 5.55 10.63 21.67
N LEU A 136 6.64 10.29 20.98
CA LEU A 136 7.94 10.20 21.63
C LEU A 136 8.58 11.58 21.77
N TYR A 137 8.09 12.54 20.97
CA TYR A 137 8.61 13.92 20.93
C TYR A 137 7.59 14.98 21.37
N ASP A 138 8.07 16.15 21.82
CA ASP A 138 7.22 17.27 22.19
C ASP A 138 6.71 18.02 20.96
N ASP A 141 10.47 20.39 17.96
CA ASP A 141 11.60 19.49 18.07
C ASP A 141 12.20 19.19 16.69
N ARG A 142 13.53 19.21 16.60
CA ARG A 142 14.21 18.96 15.34
C ARG A 142 14.43 17.47 15.12
N ARG A 143 14.55 16.73 16.23
CA ARG A 143 14.72 15.28 16.17
C ARG A 143 13.50 14.62 15.56
N ARG A 144 12.37 15.30 15.65
CA ARG A 144 11.08 14.76 15.25
C ARG A 144 11.08 14.27 13.81
N ASP A 145 11.75 14.99 12.92
CA ASP A 145 11.81 14.59 11.51
C ASP A 145 12.88 13.54 11.27
N ALA A 146 13.89 13.53 12.15
CA ALA A 146 14.94 12.53 12.06
C ALA A 146 14.42 11.16 12.46
N GLY A 147 13.68 11.13 13.57
CA GLY A 147 13.04 9.91 14.04
C GLY A 147 12.11 9.25 13.03
N PHE A 148 11.35 10.05 12.30
CA PHE A 148 10.48 9.54 11.24
C PHE A 148 11.29 9.01 10.07
N SER A 149 12.41 9.66 9.78
CA SER A 149 13.29 9.25 8.69
C SER A 149 13.89 7.89 9.00
N ILE A 150 14.33 7.75 10.24
CA ILE A 150 14.93 6.51 10.70
C ILE A 150 13.86 5.42 10.72
N PHE A 151 12.72 5.76 11.28
CA PHE A 151 11.57 4.88 11.32
C PHE A 151 11.27 4.32 9.94
N VAL A 152 11.14 5.21 8.96
CA VAL A 152 10.78 4.78 7.61
C VAL A 152 11.83 3.85 7.03
N PHE A 153 13.11 4.16 7.29
CA PHE A 153 14.19 3.37 6.72
C PHE A 153 14.15 1.92 7.20
N GLY A 154 14.02 1.71 8.50
CA GLY A 154 14.09 0.38 9.04
C GLY A 154 12.79 -0.38 8.96
N ILE A 155 11.71 0.34 8.72
CA ILE A 155 10.47 -0.26 8.28
C ILE A 155 10.77 -1.15 7.06
N ASN A 156 11.54 -0.61 6.12
CA ASN A 156 11.84 -1.28 4.86
C ASN A 156 12.72 -2.54 4.95
N LEU A 157 13.63 -2.58 5.92
CA LEU A 157 14.39 -3.79 6.23
C LEU A 157 13.49 -5.03 6.33
N GLY A 158 12.36 -4.87 7.02
CA GLY A 158 11.42 -5.96 7.17
C GLY A 158 10.81 -6.37 5.84
N ALA A 159 10.34 -5.38 5.09
CA ALA A 159 9.89 -5.59 3.73
C ALA A 159 10.98 -6.22 2.85
N PHE A 160 12.25 -5.94 3.14
CA PHE A 160 13.35 -6.48 2.33
C PHE A 160 13.67 -7.96 2.61
N ILE A 161 13.77 -8.35 3.88
CA ILE A 161 14.24 -9.69 4.17
C ILE A 161 13.15 -10.73 4.04
N ALA A 162 11.90 -10.29 4.12
CA ALA A 162 10.79 -11.24 4.18
C ALA A 162 10.65 -12.07 2.90
N PRO A 163 10.63 -11.44 1.70
CA PRO A 163 10.52 -12.32 0.53
C PRO A 163 11.70 -13.32 0.41
N LEU A 164 12.88 -12.91 0.84
CA LEU A 164 14.01 -13.81 0.80
C LEU A 164 13.78 -14.99 1.75
N ILE A 165 13.56 -14.69 3.03
CA ILE A 165 13.36 -15.73 4.04
C ILE A 165 12.09 -16.56 3.83
N VAL A 166 10.95 -15.89 3.69
CA VAL A 166 9.69 -16.60 3.44
C VAL A 166 9.74 -17.30 2.08
N GLY A 167 10.31 -16.66 1.07
CA GLY A 167 10.38 -17.27 -0.25
C GLY A 167 11.22 -18.54 -0.27
N ALA A 168 12.39 -18.48 0.38
CA ALA A 168 13.20 -19.68 0.59
C ALA A 168 12.42 -20.74 1.35
N ALA A 169 11.75 -20.35 2.43
CA ALA A 169 11.02 -21.34 3.26
C ALA A 169 9.99 -22.08 2.44
N GLN A 170 9.25 -21.34 1.61
CA GLN A 170 8.21 -21.95 0.78
C GLN A 170 8.81 -22.97 -0.17
N GLU A 171 9.95 -22.62 -0.76
CA GLU A 171 10.60 -23.48 -1.72
C GLU A 171 11.00 -24.80 -1.07
N ALA A 172 11.63 -24.69 0.09
CA ALA A 172 12.02 -25.82 0.90
C ALA A 172 10.83 -26.63 1.48
N ALA A 173 9.97 -25.96 2.25
CA ALA A 173 9.03 -26.71 3.11
C ALA A 173 7.56 -26.59 2.72
N GLY A 174 7.24 -25.71 1.78
CA GLY A 174 5.88 -25.55 1.31
C GLY A 174 5.25 -24.26 1.76
N TYR A 175 4.09 -23.98 1.18
CA TYR A 175 3.37 -22.75 1.46
C TYR A 175 2.97 -22.61 2.92
N HIS A 176 2.45 -23.70 3.53
CA HIS A 176 1.92 -23.64 4.89
C HIS A 176 3.01 -23.24 5.90
N VAL A 177 4.17 -23.88 5.81
CA VAL A 177 5.33 -23.51 6.63
C VAL A 177 5.75 -22.06 6.37
N ALA A 178 5.85 -21.68 5.09
CA ALA A 178 6.15 -20.30 4.71
C ALA A 178 5.17 -19.31 5.38
N PHE A 179 3.86 -19.58 5.32
CA PHE A 179 2.92 -18.66 5.96
C PHE A 179 3.08 -18.65 7.48
N SER A 180 3.57 -19.75 8.04
CA SER A 180 3.68 -19.80 9.48
C SER A 180 4.87 -18.94 9.93
N LEU A 181 5.87 -18.82 9.06
CA LEU A 181 6.97 -17.91 9.30
C LEU A 181 6.46 -16.47 9.32
N ALA A 182 5.54 -16.14 8.42
CA ALA A 182 4.93 -14.81 8.46
C ALA A 182 4.20 -14.57 9.79
N ALA A 183 3.46 -15.58 10.27
CA ALA A 183 2.79 -15.50 11.55
C ALA A 183 3.80 -15.31 12.68
N ILE A 184 4.95 -15.97 12.58
CA ILE A 184 5.97 -15.86 13.60
C ILE A 184 6.65 -14.49 13.58
N GLY A 185 6.81 -13.92 12.38
CA GLY A 185 7.34 -12.58 12.27
C GLY A 185 6.51 -11.55 13.01
N MET A 186 5.19 -11.61 12.83
CA MET A 186 4.26 -10.71 13.56
C MET A 186 4.31 -10.97 15.09
N PHE A 187 4.39 -12.24 15.45
CA PHE A 187 4.53 -12.61 16.85
C PHE A 187 5.74 -11.92 17.48
N ILE A 188 6.90 -12.05 16.83
CA ILE A 188 8.12 -11.38 17.29
C ILE A 188 7.88 -9.89 17.49
N GLY A 189 7.17 -9.29 16.54
CA GLY A 189 6.80 -7.89 16.61
C GLY A 189 5.95 -7.58 17.84
N LEU A 190 4.98 -8.46 18.11
CA LEU A 190 4.11 -8.31 19.27
C LEU A 190 4.89 -8.36 20.59
N LEU A 191 5.79 -9.32 20.74
CA LEU A 191 6.62 -9.42 21.94
C LEU A 191 7.39 -8.13 22.16
N VAL A 192 8.19 -7.75 21.18
CA VAL A 192 8.96 -6.53 21.28
C VAL A 192 8.03 -5.35 21.54
N TYR A 193 6.88 -5.31 20.86
CA TYR A 193 5.99 -4.17 21.05
C TYR A 193 5.45 -4.11 22.47
N TYR A 194 4.94 -5.23 22.93
CA TYR A 194 4.38 -5.32 24.27
C TYR A 194 5.37 -4.98 25.38
N PHE A 195 6.47 -5.72 25.43
CA PHE A 195 7.38 -5.54 26.55
C PHE A 195 8.21 -4.26 26.38
N GLY A 196 8.56 -3.93 25.14
CA GLY A 196 9.26 -2.68 24.88
C GLY A 196 8.38 -1.46 25.12
N GLY A 197 7.11 -1.57 24.76
CA GLY A 197 6.15 -0.49 24.94
C GLY A 197 5.97 -0.09 26.38
N LYS A 198 5.88 -1.07 27.27
CA LYS A 198 5.71 -0.81 28.70
C LYS A 198 6.85 0.02 29.26
N LYS A 199 8.02 -0.12 28.64
CA LYS A 199 9.20 0.58 29.10
C LYS A 199 9.23 2.01 28.59
N THR A 200 8.84 2.21 27.34
CA THR A 200 9.16 3.46 26.65
C THR A 200 7.99 4.29 26.15
N LEU A 201 6.80 3.72 26.09
CA LEU A 201 5.66 4.48 25.59
C LEU A 201 4.91 5.15 26.73
N ASP A 202 4.34 6.30 26.42
CA ASP A 202 3.53 7.07 27.34
C ASP A 202 2.23 6.33 27.65
N PRO A 203 1.88 6.22 28.95
CA PRO A 203 0.67 5.61 29.50
C PRO A 203 -0.63 6.22 29.00
N HIS A 204 -0.64 7.49 28.64
CA HIS A 204 -1.89 8.12 28.23
C HIS A 204 -2.39 7.59 26.87
N TYR A 205 -1.53 6.96 26.07
CA TYR A 205 -1.98 6.38 24.82
C TYR A 205 -2.55 4.95 24.97
N LEU A 206 -2.85 4.56 26.21
CA LEU A 206 -3.56 3.31 26.46
C LEU A 206 -5.05 3.58 26.31
N ARG A 207 -5.41 4.87 26.25
CA ARG A 207 -6.80 5.29 26.09
C ARG A 207 -6.92 6.20 24.87
N PRO A 208 -8.14 6.38 24.35
CA PRO A 208 -8.29 7.37 23.29
C PRO A 208 -7.98 8.79 23.77
N THR A 209 -7.20 9.52 22.99
CA THR A 209 -6.86 10.89 23.32
C THR A 209 -7.97 11.88 22.94
N ASP A 210 -8.81 11.48 21.99
CA ASP A 210 -9.96 12.28 21.60
C ASP A 210 -11.26 11.45 21.68
N PRO A 211 -11.64 11.03 22.92
CA PRO A 211 -12.83 10.17 23.03
C PRO A 211 -14.08 10.81 22.49
N LEU A 212 -14.92 10.01 21.86
CA LEU A 212 -16.28 10.41 21.52
C LEU A 212 -16.93 11.11 22.68
N ALA A 213 -17.38 12.33 22.46
CA ALA A 213 -18.21 13.04 23.41
C ALA A 213 -19.57 12.33 23.45
N PRO A 214 -20.32 12.50 24.54
CA PRO A 214 -21.63 11.82 24.69
C PRO A 214 -22.58 12.01 23.50
N GLU A 215 -22.73 13.23 23.01
CA GLU A 215 -23.64 13.51 21.90
C GLU A 215 -23.12 13.05 20.54
N GLU A 216 -21.87 12.61 20.45
CA GLU A 216 -21.34 12.16 19.17
C GLU A 216 -21.60 10.67 18.92
N VAL A 217 -21.94 9.92 19.95
CA VAL A 217 -22.05 8.47 19.81
C VAL A 217 -23.19 8.04 18.88
N LYS A 218 -24.41 8.52 19.13
CA LYS A 218 -25.53 8.13 18.32
C LYS A 218 -25.33 8.47 16.84
N PRO A 219 -24.95 9.74 16.51
CA PRO A 219 -24.76 10.04 15.09
C PRO A 219 -23.70 9.17 14.42
N LEU A 220 -22.62 8.85 15.14
CA LEU A 220 -21.63 7.95 14.56
C LEU A 220 -22.29 6.59 14.28
N LEU A 221 -22.96 6.07 15.31
CA LEU A 221 -23.66 4.80 15.22
C LEU A 221 -24.68 4.79 14.05
N VAL A 222 -25.45 5.87 13.89
CA VAL A 222 -26.41 5.91 12.80
C VAL A 222 -25.72 5.81 11.43
N LYS A 223 -24.65 6.58 11.24
CA LYS A 223 -23.90 6.57 10.00
C LYS A 223 -23.30 5.21 9.65
N VAL A 224 -22.63 4.57 10.61
CA VAL A 224 -22.07 3.23 10.40
C VAL A 224 -23.18 2.24 10.03
N SER A 225 -24.29 2.28 10.77
CA SER A 225 -25.42 1.42 10.46
C SER A 225 -25.94 1.58 9.04
N LEU A 226 -26.22 2.81 8.63
CA LEU A 226 -26.73 3.05 7.28
C LEU A 226 -25.77 2.53 6.21
N ALA A 227 -24.48 2.79 6.36
CA ALA A 227 -23.46 2.31 5.43
C ALA A 227 -23.40 0.79 5.33
N VAL A 228 -23.37 0.11 6.47
CA VAL A 228 -23.40 -1.35 6.51
C VAL A 228 -24.72 -1.86 5.87
N ALA A 229 -25.84 -1.29 6.28
CA ALA A 229 -27.15 -1.70 5.77
C ALA A 229 -27.28 -1.53 4.25
N GLY A 230 -26.84 -0.39 3.72
CA GLY A 230 -26.85 -0.13 2.28
C GLY A 230 -25.95 -1.08 1.51
N PHE A 231 -24.81 -1.39 2.12
CA PHE A 231 -23.86 -2.31 1.52
C PHE A 231 -24.46 -3.73 1.49
N ILE A 232 -25.13 -4.14 2.56
CA ILE A 232 -25.81 -5.43 2.61
C ILE A 232 -26.95 -5.49 1.59
N ALA A 233 -27.79 -4.45 1.55
CA ALA A 233 -28.84 -4.34 0.55
C ALA A 233 -28.29 -4.53 -0.88
N ILE A 234 -27.21 -3.80 -1.21
CA ILE A 234 -26.61 -3.91 -2.52
C ILE A 234 -26.20 -5.36 -2.82
N ILE A 235 -25.59 -6.03 -1.85
CA ILE A 235 -25.17 -7.40 -2.07
C ILE A 235 -26.37 -8.34 -2.24
N VAL A 236 -27.42 -8.13 -1.45
CA VAL A 236 -28.64 -8.91 -1.59
C VAL A 236 -29.20 -8.76 -3.01
N VAL A 237 -29.37 -7.52 -3.47
CA VAL A 237 -29.85 -7.26 -4.82
C VAL A 237 -28.93 -7.87 -5.88
N MET A 238 -27.62 -7.85 -5.65
CA MET A 238 -26.68 -8.45 -6.58
C MET A 238 -26.95 -9.93 -6.70
N ASN A 239 -27.25 -10.58 -5.58
CA ASN A 239 -27.50 -12.01 -5.58
C ASN A 239 -28.86 -12.34 -6.21
N LEU A 240 -29.83 -11.47 -5.98
CA LEU A 240 -31.17 -11.67 -6.53
C LEU A 240 -31.18 -11.62 -8.06
N VAL A 241 -30.30 -10.82 -8.65
CA VAL A 241 -30.33 -10.63 -10.10
C VAL A 241 -29.23 -11.40 -10.80
N GLY A 242 -28.45 -12.16 -10.04
CA GLY A 242 -27.46 -13.05 -10.62
C GLY A 242 -26.02 -12.56 -10.69
N TRP A 243 -25.76 -11.32 -10.29
CA TRP A 243 -24.41 -10.77 -10.29
C TRP A 243 -23.65 -11.12 -9.04
N ASN A 244 -23.38 -12.41 -8.86
CA ASN A 244 -22.84 -12.88 -7.59
C ASN A 244 -21.58 -13.70 -7.77
N SER A 245 -20.90 -13.50 -8.88
CA SER A 245 -19.63 -14.14 -9.12
C SER A 245 -18.56 -13.43 -8.33
N LEU A 246 -17.40 -14.06 -8.19
CA LEU A 246 -16.27 -13.42 -7.54
C LEU A 246 -15.90 -12.10 -8.21
N PRO A 247 -15.75 -12.07 -9.56
CA PRO A 247 -15.41 -10.77 -10.17
C PRO A 247 -16.45 -9.68 -9.90
N ALA A 248 -17.72 -10.09 -9.78
CA ALA A 248 -18.82 -9.21 -9.43
C ALA A 248 -18.59 -8.50 -8.09
N TYR A 249 -18.30 -9.29 -7.07
CA TYR A 249 -17.93 -8.75 -5.77
C TYR A 249 -16.68 -7.88 -5.84
N ILE A 250 -15.72 -8.28 -6.69
CA ILE A 250 -14.52 -7.49 -6.85
C ILE A 250 -14.89 -6.16 -7.47
N ASN A 251 -15.81 -6.17 -8.43
CA ASN A 251 -16.28 -4.92 -9.02
C ASN A 251 -16.99 -4.02 -8.01
N LEU A 252 -17.83 -4.60 -7.16
CA LEU A 252 -18.51 -3.82 -6.13
C LEU A 252 -17.47 -3.11 -5.25
N LEU A 253 -16.45 -3.84 -4.81
CA LEU A 253 -15.44 -3.26 -3.91
C LEU A 253 -14.61 -2.20 -4.65
N THR A 254 -14.37 -2.42 -5.94
CA THR A 254 -13.68 -1.41 -6.73
C THR A 254 -14.44 -0.08 -6.76
N ILE A 255 -15.72 -0.16 -7.12
CA ILE A 255 -16.60 1.00 -7.12
C ILE A 255 -16.64 1.69 -5.76
N VAL A 256 -16.66 0.93 -4.68
CA VAL A 256 -16.77 1.59 -3.40
C VAL A 256 -15.46 2.34 -3.09
N ALA A 257 -14.33 1.72 -3.37
CA ALA A 257 -13.05 2.37 -3.16
C ALA A 257 -12.89 3.62 -4.04
N ILE A 258 -13.35 3.57 -5.28
CA ILE A 258 -13.24 4.75 -6.16
C ILE A 258 -14.23 5.85 -5.80
N ALA A 259 -15.41 5.47 -5.34
CA ALA A 259 -16.48 6.43 -4.99
C ALA A 259 -16.12 7.31 -3.79
N ILE A 260 -15.41 6.74 -2.84
CA ILE A 260 -15.07 7.43 -1.60
C ILE A 260 -14.31 8.77 -1.79
N PRO A 261 -13.22 8.79 -2.59
CA PRO A 261 -12.55 10.08 -2.82
C PRO A 261 -13.43 11.05 -3.58
N VAL A 262 -14.25 10.54 -4.49
CA VAL A 262 -15.12 11.39 -5.28
C VAL A 262 -16.09 12.09 -4.36
N PHE A 263 -16.62 11.35 -3.40
CA PHE A 263 -17.56 11.94 -2.47
C PHE A 263 -16.84 12.83 -1.47
N TYR A 264 -15.74 12.35 -0.91
CA TYR A 264 -14.92 13.16 -0.01
C TYR A 264 -14.50 14.51 -0.62
N PHE A 265 -14.12 14.50 -1.90
CA PHE A 265 -13.61 15.70 -2.55
C PHE A 265 -14.73 16.65 -2.94
N ALA A 266 -15.78 16.11 -3.57
CA ALA A 266 -16.96 16.90 -3.93
C ALA A 266 -17.59 17.49 -2.67
N TRP A 267 -17.37 16.81 -1.55
CA TRP A 267 -17.85 17.28 -0.25
C TRP A 267 -17.14 18.55 0.17
N MET A 268 -15.81 18.50 0.34
CA MET A 268 -15.04 19.69 0.70
C MET A 268 -15.26 20.85 -0.27
N ILE A 269 -15.69 20.51 -1.48
CA ILE A 269 -16.16 21.48 -2.46
C ILE A 269 -17.64 21.81 -2.22
N SER A 276 -13.60 30.98 -1.76
CA SER A 276 -13.20 31.16 -3.15
C SER A 276 -11.75 30.77 -3.36
N THR A 277 -10.87 31.35 -2.58
CA THR A 277 -9.45 31.00 -2.65
C THR A 277 -9.25 29.57 -2.22
N GLU A 278 -9.98 29.14 -1.20
CA GLU A 278 -9.89 27.77 -0.72
C GLU A 278 -10.58 26.81 -1.68
N HIS A 279 -11.55 27.31 -2.43
CA HIS A 279 -12.16 26.50 -3.49
C HIS A 279 -11.10 26.06 -4.48
N LEU A 280 -10.22 26.98 -4.82
CA LEU A 280 -9.15 26.70 -5.77
C LEU A 280 -8.08 25.82 -5.14
N ARG A 281 -7.96 25.85 -3.81
CA ARG A 281 -7.00 25.00 -3.13
C ARG A 281 -7.45 23.54 -3.14
N VAL A 282 -8.74 23.33 -2.90
CA VAL A 282 -9.29 21.98 -2.88
C VAL A 282 -9.26 21.40 -4.29
N VAL A 283 -9.55 22.23 -5.28
CA VAL A 283 -9.49 21.81 -6.67
C VAL A 283 -8.04 21.58 -7.06
N SER A 284 -7.14 22.35 -6.46
CA SER A 284 -5.70 22.17 -6.64
C SER A 284 -5.22 20.76 -6.24
N TYR A 285 -5.83 20.18 -5.21
CA TYR A 285 -5.39 18.88 -4.74
C TYR A 285 -5.74 17.79 -5.75
N ILE A 286 -6.90 17.93 -6.40
CA ILE A 286 -7.43 16.86 -7.24
C ILE A 286 -6.49 16.33 -8.33
N PRO A 287 -5.78 17.22 -9.07
CA PRO A 287 -4.80 16.65 -9.99
C PRO A 287 -3.71 15.88 -9.25
N LEU A 288 -3.33 16.41 -8.09
CA LEU A 288 -2.27 15.79 -7.31
C LEU A 288 -2.73 14.47 -6.76
N PHE A 289 -3.98 14.40 -6.35
CA PHE A 289 -4.50 13.16 -5.82
C PHE A 289 -4.55 12.11 -6.94
N ILE A 290 -4.89 12.55 -8.14
CA ILE A 290 -5.07 11.65 -9.26
C ILE A 290 -3.73 11.13 -9.74
N ALA A 291 -2.72 11.99 -9.70
CA ALA A 291 -1.35 11.57 -9.99
C ALA A 291 -0.90 10.52 -8.98
N ALA A 292 -1.06 10.81 -7.69
CA ALA A 292 -0.75 9.84 -6.63
C ALA A 292 -1.41 8.47 -6.86
N VAL A 293 -2.72 8.46 -7.17
CA VAL A 293 -3.44 7.21 -7.47
C VAL A 293 -2.83 6.44 -8.64
N LEU A 294 -2.48 7.14 -9.71
CA LEU A 294 -1.88 6.48 -10.87
C LEU A 294 -0.52 5.89 -10.50
N PHE A 295 0.25 6.64 -9.71
CA PHE A 295 1.56 6.17 -9.33
C PHE A 295 1.49 4.87 -8.52
N TRP A 296 0.60 4.82 -7.53
CA TRP A 296 0.39 3.65 -6.68
C TRP A 296 -0.13 2.47 -7.49
N ALA A 297 -0.94 2.79 -8.49
CA ALA A 297 -1.40 1.80 -9.43
C ALA A 297 -0.18 1.05 -9.98
N ILE A 298 0.76 1.78 -10.56
CA ILE A 298 1.92 1.15 -11.15
C ILE A 298 2.79 0.45 -10.10
N GLU A 299 3.03 1.11 -8.97
CA GLU A 299 3.87 0.52 -7.93
C GLU A 299 3.26 -0.75 -7.33
N GLU A 300 1.94 -0.79 -7.20
CA GLU A 300 1.30 -1.94 -6.57
C GLU A 300 1.18 -3.13 -7.53
N GLN A 301 1.34 -2.88 -8.83
CA GLN A 301 1.41 -4.01 -9.76
C GLN A 301 2.72 -4.79 -9.66
N GLY A 302 3.71 -4.25 -8.94
CA GLY A 302 4.97 -4.93 -8.71
C GLY A 302 4.74 -6.33 -8.16
N SER A 303 3.79 -6.47 -7.23
CA SER A 303 3.55 -7.76 -6.60
C SER A 303 2.49 -8.60 -7.32
N VAL A 304 2.03 -8.13 -8.48
CA VAL A 304 1.03 -8.85 -9.28
C VAL A 304 1.52 -9.03 -10.72
N VAL A 305 1.60 -7.95 -11.48
CA VAL A 305 2.00 -8.10 -12.86
C VAL A 305 3.50 -8.41 -12.96
N LEU A 306 4.34 -7.77 -12.14
CA LEU A 306 5.76 -8.05 -12.25
C LEU A 306 6.06 -9.40 -11.63
N ALA A 307 5.30 -9.76 -10.58
CA ALA A 307 5.41 -11.09 -9.97
C ALA A 307 5.08 -12.18 -10.98
N THR A 308 4.11 -11.87 -11.85
CA THR A 308 3.72 -12.79 -12.92
C THR A 308 4.81 -12.92 -13.96
N PHE A 309 5.34 -11.78 -14.36
CA PHE A 309 6.39 -11.75 -15.35
C PHE A 309 7.64 -12.49 -14.82
N ALA A 310 7.98 -12.25 -13.56
CA ALA A 310 9.10 -12.93 -12.91
C ALA A 310 8.96 -14.46 -13.03
N ALA A 311 7.77 -14.95 -12.69
CA ALA A 311 7.51 -16.38 -12.71
C ALA A 311 7.53 -16.95 -14.12
N GLU A 312 6.95 -16.24 -15.08
CA GLU A 312 6.74 -16.80 -16.41
C GLU A 312 7.81 -16.43 -17.44
N ARG A 313 8.49 -15.32 -17.26
CA ARG A 313 9.28 -14.79 -18.36
C ARG A 313 10.76 -14.68 -18.09
N VAL A 314 11.15 -14.97 -16.86
CA VAL A 314 12.52 -14.89 -16.41
C VAL A 314 13.02 -16.30 -16.14
N ASP A 315 14.29 -16.59 -16.42
CA ASP A 315 14.83 -17.87 -15.94
C ASP A 315 15.13 -17.77 -14.45
N SER A 316 14.29 -18.41 -13.64
CA SER A 316 14.50 -18.47 -12.20
C SER A 316 14.43 -19.92 -11.72
N SER A 317 15.21 -20.79 -12.37
CA SER A 317 15.19 -22.20 -12.03
C SER A 317 16.06 -22.45 -10.82
N TRP A 318 16.90 -21.47 -10.50
CA TRP A 318 17.94 -21.61 -9.47
C TRP A 318 17.72 -20.78 -8.20
N PHE A 319 16.62 -20.04 -8.12
CA PHE A 319 16.34 -19.28 -6.91
C PHE A 319 14.84 -18.98 -6.77
N PRO A 320 14.36 -18.76 -5.54
CA PRO A 320 12.93 -18.46 -5.38
C PRO A 320 12.53 -17.17 -6.13
N VAL A 321 11.53 -17.26 -7.00
CA VAL A 321 11.17 -16.11 -7.83
C VAL A 321 10.41 -15.02 -7.04
N SER A 322 9.88 -15.39 -5.89
CA SER A 322 9.34 -14.44 -4.93
C SER A 322 10.37 -13.40 -4.47
N TRP A 323 11.65 -13.74 -4.61
CA TRP A 323 12.72 -12.87 -4.18
C TRP A 323 12.74 -11.53 -4.89
N PHE A 324 12.16 -11.47 -6.09
CA PHE A 324 12.15 -10.23 -6.86
C PHE A 324 11.45 -9.13 -6.10
N GLN A 325 10.52 -9.50 -5.23
CA GLN A 325 9.83 -8.49 -4.45
C GLN A 325 10.77 -7.76 -3.47
N SER A 326 11.94 -8.32 -3.19
CA SER A 326 12.90 -7.58 -2.37
C SER A 326 13.46 -6.30 -3.03
N LEU A 327 13.46 -6.26 -4.37
CA LEU A 327 13.99 -5.11 -5.10
C LEU A 327 13.29 -3.81 -4.74
N ASN A 328 12.00 -3.91 -4.40
CA ASN A 328 11.22 -2.72 -4.07
C ASN A 328 11.78 -2.04 -2.80
N PRO A 329 11.78 -2.73 -1.64
CA PRO A 329 12.37 -2.03 -0.48
C PRO A 329 13.88 -1.82 -0.59
N LEU A 330 14.55 -2.65 -1.38
CA LEU A 330 15.99 -2.49 -1.55
C LEU A 330 16.29 -1.11 -2.13
N PHE A 331 15.62 -0.75 -3.22
CA PHE A 331 15.89 0.53 -3.85
C PHE A 331 15.49 1.69 -2.97
N ILE A 332 14.48 1.48 -2.11
CA ILE A 332 14.06 2.56 -1.22
C ILE A 332 15.21 2.89 -0.30
N MET A 333 15.87 1.86 0.20
CA MET A 333 17.03 2.06 1.06
C MET A 333 18.25 2.61 0.31
N LEU A 334 18.50 2.11 -0.90
CA LEU A 334 19.58 2.64 -1.72
C LEU A 334 19.38 4.12 -2.06
N TYR A 335 18.15 4.51 -2.38
CA TYR A 335 17.85 5.87 -2.80
C TYR A 335 17.81 6.90 -1.68
N THR A 336 17.51 6.45 -0.46
CA THR A 336 17.34 7.37 0.67
C THR A 336 18.54 8.28 0.97
N PRO A 337 19.75 7.71 1.10
CA PRO A 337 20.86 8.62 1.41
C PRO A 337 21.05 9.63 0.30
N PHE A 338 20.84 9.21 -0.94
CA PHE A 338 20.99 10.13 -2.06
C PHE A 338 19.99 11.28 -2.03
N PHE A 339 18.72 10.96 -1.79
CA PHE A 339 17.71 12.01 -1.74
C PHE A 339 17.83 12.83 -0.46
N ALA A 340 18.51 12.30 0.56
CA ALA A 340 18.82 13.08 1.74
C ALA A 340 19.71 14.25 1.34
N TRP A 341 20.65 13.99 0.46
CA TRP A 341 21.54 15.03 -0.03
C TRP A 341 20.79 15.98 -0.96
N LEU A 342 19.94 15.41 -1.81
CA LEU A 342 19.32 16.15 -2.89
C LEU A 342 18.50 17.34 -2.39
N TRP A 343 17.73 17.13 -1.32
CA TRP A 343 16.80 18.16 -0.89
C TRP A 343 17.46 19.24 -0.05
N THR A 344 18.59 18.90 0.58
CA THR A 344 19.32 19.89 1.40
C THR A 344 20.25 20.72 0.54
N ALA A 345 20.81 20.10 -0.49
CA ALA A 345 21.71 20.80 -1.42
C ALA A 345 20.93 21.74 -2.33
N TRP A 346 19.78 21.29 -2.79
CA TRP A 346 18.94 22.09 -3.68
C TRP A 346 18.27 23.22 -2.90
N GLN A 350 14.10 25.16 -5.53
CA GLN A 350 13.45 23.88 -5.31
C GLN A 350 12.14 23.76 -6.09
N PRO A 351 11.89 22.58 -6.68
CA PRO A 351 10.68 22.29 -7.47
C PRO A 351 9.43 22.18 -6.62
N SER A 352 8.34 22.71 -7.15
CA SER A 352 7.07 22.69 -6.44
C SER A 352 6.59 21.28 -6.18
N SER A 353 5.69 21.15 -5.20
CA SER A 353 5.07 19.87 -4.90
C SER A 353 4.33 19.26 -6.10
N PRO A 354 3.68 20.07 -6.95
CA PRO A 354 3.08 19.42 -8.13
C PRO A 354 4.10 18.84 -9.10
N THR A 355 5.16 19.59 -9.38
CA THR A 355 6.20 19.13 -10.30
C THR A 355 6.73 17.77 -9.86
N LYS A 356 6.87 17.57 -8.54
CA LYS A 356 7.37 16.31 -8.01
C LYS A 356 6.46 15.16 -8.38
N PHE A 357 5.16 15.35 -8.17
CA PHE A 357 4.18 14.31 -8.46
C PHE A 357 4.19 13.93 -9.94
N ALA A 358 4.46 14.91 -10.80
CA ALA A 358 4.50 14.66 -12.24
C ALA A 358 5.65 13.72 -12.59
N VAL A 359 6.87 14.22 -12.42
CA VAL A 359 8.10 13.47 -12.65
C VAL A 359 8.07 12.05 -12.06
N GLY A 360 7.53 11.91 -10.86
CA GLY A 360 7.40 10.61 -10.23
C GLY A 360 6.55 9.67 -11.07
N LEU A 361 5.45 10.20 -11.58
CA LEU A 361 4.55 9.43 -12.42
C LEU A 361 5.20 9.20 -13.78
N MET A 362 6.05 10.12 -14.21
CA MET A 362 6.84 9.87 -15.39
C MET A 362 7.78 8.68 -15.16
N PHE A 363 8.52 8.69 -14.06
CA PHE A 363 9.39 7.57 -13.76
C PHE A 363 8.62 6.26 -13.66
N ALA A 364 7.42 6.29 -13.09
CA ALA A 364 6.66 5.07 -13.01
C ALA A 364 6.23 4.65 -14.41
N GLY A 365 5.98 5.63 -15.26
CA GLY A 365 5.63 5.36 -16.65
C GLY A 365 6.75 4.63 -17.36
N LEU A 366 7.97 5.10 -17.12
CA LEU A 366 9.17 4.54 -17.75
C LEU A 366 9.45 3.12 -17.30
N SER A 367 9.02 2.77 -16.09
CA SER A 367 9.27 1.42 -15.55
C SER A 367 8.45 0.38 -16.31
N PHE A 368 7.31 0.80 -16.83
CA PHE A 368 6.48 -0.07 -17.68
C PHE A 368 6.89 -0.06 -19.14
N LEU A 369 7.27 1.13 -19.66
CA LEU A 369 7.83 1.21 -21.02
C LEU A 369 9.10 0.37 -21.12
N LEU A 370 9.92 0.40 -20.06
CA LEU A 370 11.09 -0.45 -20.03
C LEU A 370 10.67 -1.92 -20.15
N MET A 371 9.54 -2.29 -19.54
CA MET A 371 9.17 -3.69 -19.51
C MET A 371 8.56 -4.14 -20.83
N ALA A 372 8.21 -3.21 -21.71
CA ALA A 372 7.69 -3.58 -23.01
C ALA A 372 8.82 -4.01 -23.96
N ILE A 373 10.05 -3.64 -23.60
CA ILE A 373 11.15 -3.85 -24.52
C ILE A 373 11.48 -5.34 -24.69
N PRO A 374 11.64 -6.08 -23.56
CA PRO A 374 12.08 -7.46 -23.79
C PRO A 374 11.14 -8.26 -24.69
N GLY A 375 9.83 -8.03 -24.58
CA GLY A 375 8.89 -8.73 -25.43
C GLY A 375 8.95 -8.29 -26.88
N ALA A 376 9.04 -6.98 -27.09
CA ALA A 376 9.20 -6.41 -28.43
C ALA A 376 10.46 -6.90 -29.16
N LEU A 377 11.53 -7.09 -28.41
CA LEU A 377 12.83 -7.47 -28.94
C LEU A 377 13.01 -8.97 -29.11
N TYR A 378 12.68 -9.73 -28.06
CA TYR A 378 12.90 -11.16 -27.98
C TYR A 378 11.65 -12.03 -28.12
N GLY A 379 10.49 -11.42 -28.31
CA GLY A 379 9.28 -12.20 -28.37
C GLY A 379 8.89 -12.58 -26.94
N THR A 380 7.71 -13.17 -26.76
CA THR A 380 7.22 -13.45 -25.40
C THR A 380 7.24 -14.93 -25.04
N SER A 381 7.75 -15.78 -25.92
CA SER A 381 7.69 -17.19 -25.64
C SER A 381 9.00 -17.76 -25.04
N GLY A 382 10.02 -16.93 -24.89
CA GLY A 382 11.25 -17.38 -24.26
C GLY A 382 11.45 -16.73 -22.91
N LYS A 383 12.69 -16.71 -22.42
CA LYS A 383 13.00 -16.19 -21.09
C LYS A 383 13.98 -15.05 -21.17
N VAL A 384 13.70 -13.93 -20.49
CA VAL A 384 14.64 -12.81 -20.54
C VAL A 384 15.45 -12.63 -19.26
N SER A 385 16.48 -11.79 -19.32
CA SER A 385 17.31 -11.52 -18.15
C SER A 385 16.52 -10.94 -16.97
N PRO A 386 16.80 -11.39 -15.75
CA PRO A 386 16.23 -10.77 -14.55
C PRO A 386 16.52 -9.26 -14.45
N LEU A 387 17.49 -8.72 -15.19
CA LEU A 387 17.83 -7.29 -15.04
C LEU A 387 16.74 -6.35 -15.58
N TRP A 388 15.89 -6.85 -16.47
CA TRP A 388 14.77 -6.08 -16.90
C TRP A 388 13.93 -5.65 -15.68
N LEU A 389 13.71 -6.59 -14.76
CA LEU A 389 12.89 -6.33 -13.57
C LEU A 389 13.60 -5.41 -12.59
N VAL A 390 14.90 -5.61 -12.47
CA VAL A 390 15.74 -4.78 -11.61
C VAL A 390 15.69 -3.34 -12.12
N GLY A 391 15.78 -3.17 -13.44
CA GLY A 391 15.63 -1.86 -14.03
C GLY A 391 14.26 -1.27 -13.79
N SER A 392 13.22 -2.08 -14.00
CA SER A 392 11.88 -1.59 -13.80
C SER A 392 11.64 -1.14 -12.34
N TRP A 393 12.07 -1.94 -11.36
CA TRP A 393 11.88 -1.51 -9.98
C TRP A 393 12.72 -0.25 -9.67
N ALA A 394 13.93 -0.17 -10.23
CA ALA A 394 14.77 1.02 -10.07
C ALA A 394 14.03 2.31 -10.47
N LEU A 395 13.35 2.26 -11.61
CA LEU A 395 12.65 3.44 -12.12
C LEU A 395 11.44 3.81 -11.28
N VAL A 396 10.59 2.82 -10.99
CA VAL A 396 9.34 3.10 -10.29
C VAL A 396 9.63 3.58 -8.86
N ILE A 397 10.70 3.07 -8.25
CA ILE A 397 11.05 3.48 -6.90
C ILE A 397 11.65 4.87 -6.94
N LEU A 398 12.32 5.17 -8.04
CA LEU A 398 12.83 6.50 -8.24
C LEU A 398 11.64 7.47 -8.19
N GLY A 399 10.55 7.08 -8.84
CA GLY A 399 9.37 7.91 -8.85
C GLY A 399 8.79 8.00 -7.46
N GLU A 400 8.96 6.94 -6.67
CA GLU A 400 8.37 6.91 -5.33
C GLU A 400 9.10 7.86 -4.39
N MET A 401 10.38 8.08 -4.62
CA MET A 401 11.10 9.04 -3.79
C MET A 401 10.57 10.44 -4.01
N LEU A 402 9.99 10.67 -5.18
CA LEU A 402 9.58 12.01 -5.53
C LEU A 402 8.15 12.27 -5.14
N ILE A 403 7.33 11.22 -5.13
CA ILE A 403 5.90 11.44 -5.08
C ILE A 403 5.30 11.02 -3.73
N SER A 404 6.02 10.18 -3.01
CA SER A 404 5.54 9.64 -1.74
C SER A 404 6.09 10.41 -0.55
N PRO A 405 5.35 10.41 0.56
CA PRO A 405 5.83 10.95 1.83
C PRO A 405 7.07 10.22 2.36
N VAL A 406 7.33 9.00 1.88
CA VAL A 406 8.57 8.30 2.22
C VAL A 406 9.76 9.00 1.56
N GLY A 407 9.49 9.82 0.56
CA GLY A 407 10.50 10.65 -0.07
C GLY A 407 10.49 12.04 0.53
N LEU A 408 9.46 12.32 1.32
CA LEU A 408 9.34 13.58 2.06
C LEU A 408 10.03 13.47 3.42
N SER A 409 10.04 12.26 3.97
CA SER A 409 10.69 11.97 5.25
C SER A 409 12.20 12.15 5.16
N VAL A 410 12.75 11.89 3.98
CA VAL A 410 14.18 11.90 3.77
C VAL A 410 14.78 13.29 3.97
N ASN A 420 1.66 13.84 9.72
CA ASN A 420 0.33 14.44 9.74
C ASN A 420 -0.75 13.35 9.76
N SER A 421 -2.01 13.77 9.89
CA SER A 421 -3.13 12.84 9.90
C SER A 421 -3.91 12.90 8.59
N GLN A 422 -4.11 14.11 8.08
CA GLN A 422 -4.82 14.26 6.81
C GLN A 422 -3.91 13.84 5.69
N MET A 423 -2.64 14.24 5.76
CA MET A 423 -1.67 13.77 4.80
C MET A 423 -1.58 12.24 4.85
N MET A 424 -1.69 11.67 6.04
CA MET A 424 -1.56 10.23 6.22
C MET A 424 -2.76 9.49 5.68
N SER A 425 -3.95 10.00 5.97
CA SER A 425 -5.16 9.38 5.47
C SER A 425 -5.27 9.50 3.95
N MET A 426 -4.85 10.63 3.38
CA MET A 426 -4.91 10.79 1.93
C MET A 426 -3.83 9.95 1.25
N TRP A 427 -2.80 9.63 2.01
CA TRP A 427 -1.76 8.73 1.56
C TRP A 427 -2.35 7.32 1.45
N PHE A 428 -3.00 6.84 2.52
CA PHE A 428 -3.68 5.54 2.51
C PHE A 428 -4.79 5.45 1.44
N LEU A 429 -5.57 6.53 1.31
CA LEU A 429 -6.65 6.57 0.35
C LEU A 429 -6.16 6.51 -1.12
N SER A 430 -5.13 7.27 -1.44
CA SER A 430 -4.69 7.25 -2.83
C SER A 430 -4.11 5.87 -3.19
N SER A 431 -3.45 5.20 -2.24
CA SER A 431 -2.89 3.90 -2.56
C SER A 431 -4.02 2.87 -2.61
N SER A 432 -5.03 3.06 -1.77
CA SER A 432 -6.25 2.25 -1.88
C SER A 432 -6.91 2.37 -3.26
N VAL A 433 -7.03 3.59 -3.77
CA VAL A 433 -7.72 3.78 -5.06
C VAL A 433 -6.92 3.21 -6.22
N GLY A 434 -5.61 3.42 -6.19
CA GLY A 434 -4.70 2.83 -7.15
C GLY A 434 -4.84 1.31 -7.24
N SER A 435 -4.85 0.67 -6.07
CA SER A 435 -5.07 -0.77 -5.98
C SER A 435 -6.45 -1.22 -6.50
N ALA A 436 -7.47 -0.40 -6.26
CA ALA A 436 -8.80 -0.72 -6.76
C ALA A 436 -8.77 -0.68 -8.28
N LEU A 437 -8.06 0.30 -8.81
CA LEU A 437 -7.92 0.47 -10.26
C LEU A 437 -7.19 -0.72 -10.86
N ASN A 438 -6.14 -1.16 -10.16
CA ASN A 438 -5.41 -2.35 -10.54
C ASN A 438 -6.24 -3.64 -10.58
N ALA A 439 -7.26 -3.73 -9.73
CA ALA A 439 -8.06 -4.94 -9.65
C ALA A 439 -8.83 -5.13 -10.94
N GLN A 440 -9.06 -4.03 -11.63
CA GLN A 440 -9.63 -4.07 -12.95
C GLN A 440 -8.53 -4.23 -14.01
N LEU A 441 -7.44 -3.49 -13.86
CA LEU A 441 -6.40 -3.46 -14.89
C LEU A 441 -5.55 -4.72 -15.03
N VAL A 442 -5.19 -5.36 -13.91
CA VAL A 442 -4.26 -6.50 -13.98
C VAL A 442 -4.87 -7.75 -14.63
N THR A 443 -6.20 -7.78 -14.77
CA THR A 443 -6.87 -8.87 -15.48
C THR A 443 -6.64 -8.79 -17.00
N LEU A 444 -6.15 -7.66 -17.48
CA LEU A 444 -5.83 -7.52 -18.89
C LEU A 444 -4.46 -8.10 -19.20
N TYR A 445 -3.67 -8.37 -18.16
CA TYR A 445 -2.29 -8.79 -18.38
C TYR A 445 -2.12 -10.29 -18.62
N ASN A 446 -1.54 -10.65 -19.76
CA ASN A 446 -1.14 -12.04 -19.96
C ASN A 446 0.01 -12.12 -20.97
N ALA A 447 0.46 -13.33 -21.26
CA ALA A 447 1.59 -13.51 -22.17
C ALA A 447 1.28 -12.91 -23.55
N LYS A 448 0.06 -13.13 -24.03
CA LYS A 448 -0.36 -12.56 -25.30
C LYS A 448 -0.45 -11.04 -25.30
N SER A 449 -0.67 -10.39 -24.16
CA SER A 449 -0.86 -8.94 -24.19
C SER A 449 0.28 -8.15 -23.57
N GLU A 450 1.28 -8.86 -23.06
CA GLU A 450 2.42 -8.29 -22.34
C GLU A 450 2.96 -7.00 -22.94
N VAL A 451 3.35 -7.01 -24.21
CA VAL A 451 3.97 -5.82 -24.79
C VAL A 451 2.97 -4.64 -24.91
N ALA A 452 1.76 -4.93 -25.39
CA ALA A 452 0.73 -3.90 -25.53
C ALA A 452 0.31 -3.32 -24.16
N TYR A 453 0.25 -4.19 -23.15
CA TYR A 453 -0.10 -3.79 -21.79
C TYR A 453 0.94 -2.83 -21.20
N PHE A 454 2.19 -3.24 -21.21
CA PHE A 454 3.28 -2.43 -20.68
C PHE A 454 3.43 -1.13 -21.47
N SER A 455 3.23 -1.18 -22.80
CA SER A 455 3.33 0.03 -23.63
C SER A 455 2.21 1.03 -23.36
N TYR A 456 0.99 0.53 -23.34
CA TYR A 456 -0.17 1.38 -23.20
C TYR A 456 -0.13 2.12 -21.87
N PHE A 457 -0.15 1.37 -20.78
CA PHE A 457 -0.21 1.97 -19.45
C PHE A 457 1.08 2.71 -19.13
N GLY A 458 2.19 2.27 -19.71
CA GLY A 458 3.42 3.02 -19.56
C GLY A 458 3.32 4.39 -20.23
N LEU A 459 2.88 4.43 -21.48
CA LEU A 459 2.82 5.69 -22.20
C LEU A 459 1.71 6.57 -21.63
N GLY A 460 0.58 5.96 -21.34
CA GLY A 460 -0.53 6.65 -20.72
C GLY A 460 -0.11 7.39 -19.45
N SER A 461 0.72 6.74 -18.64
CA SER A 461 1.20 7.30 -17.37
C SER A 461 2.08 8.50 -17.53
N VAL A 462 3.02 8.42 -18.47
CA VAL A 462 3.91 9.52 -18.77
C VAL A 462 3.12 10.73 -19.22
N VAL A 463 2.09 10.49 -20.04
CA VAL A 463 1.35 11.58 -20.65
C VAL A 463 0.46 12.27 -19.64
N LEU A 464 -0.23 11.49 -18.81
CA LEU A 464 -0.99 12.02 -17.69
C LEU A 464 -0.06 12.74 -16.72
N GLY A 465 1.21 12.35 -16.72
CA GLY A 465 2.19 12.97 -15.86
C GLY A 465 2.49 14.36 -16.33
N ILE A 466 2.53 14.52 -17.64
CA ILE A 466 2.78 15.82 -18.26
C ILE A 466 1.51 16.69 -18.24
N VAL A 467 0.37 16.05 -18.43
CA VAL A 467 -0.90 16.76 -18.38
C VAL A 467 -1.16 17.31 -16.98
N LEU A 468 -0.94 16.48 -15.97
CA LEU A 468 -1.31 16.87 -14.61
C LEU A 468 -0.37 17.90 -14.00
N VAL A 469 0.84 18.05 -14.56
CA VAL A 469 1.76 19.05 -14.02
C VAL A 469 1.40 20.45 -14.50
N PHE A 470 1.07 20.60 -15.78
CA PHE A 470 0.74 21.92 -16.29
C PHE A 470 -0.65 22.31 -15.83
N LEU A 471 -1.52 21.32 -15.64
CA LEU A 471 -2.88 21.56 -15.22
C LEU A 471 -2.95 22.14 -13.80
N SER A 472 -2.22 21.53 -12.87
CA SER A 472 -2.23 22.00 -11.48
C SER A 472 -1.41 23.28 -11.28
N LYS A 473 -0.38 23.47 -12.11
CA LYS A 473 0.46 24.65 -12.06
C LYS A 473 -0.36 25.91 -12.31
N ARG A 474 -1.31 25.79 -13.22
CA ARG A 474 -2.08 26.94 -13.65
C ARG A 474 -3.45 26.99 -12.98
N ILE A 475 -3.77 25.96 -12.21
CA ILE A 475 -4.84 26.09 -11.22
C ILE A 475 -4.25 26.85 -10.03
N GLN A 476 -3.00 26.53 -9.71
CA GLN A 476 -2.25 27.28 -8.70
C GLN A 476 -1.96 28.69 -9.18
N GLY A 477 -1.75 28.84 -10.49
CA GLY A 477 -1.50 30.13 -11.10
C GLY A 477 -2.70 31.06 -11.01
N LEU A 478 -3.89 30.51 -11.28
CA LEU A 478 -5.11 31.29 -11.17
C LEU A 478 -5.43 31.54 -9.70
N MET A 479 -5.08 30.59 -8.85
CA MET A 479 -5.30 30.70 -7.41
C MET A 479 -4.56 31.90 -6.82
N GLN A 480 -3.30 32.05 -7.19
CA GLN A 480 -2.50 33.19 -6.73
C GLN A 480 -2.93 34.50 -7.44
N GLY A 481 -3.81 34.38 -8.43
CA GLY A 481 -4.36 35.53 -9.11
C GLY A 481 -5.48 36.09 -8.29
N VAL A 482 -6.36 35.23 -7.79
CA VAL A 482 -7.48 35.65 -6.95
C VAL A 482 -6.99 36.24 -5.63
N GLU A 483 -5.93 35.66 -5.10
CA GLU A 483 -5.29 36.15 -3.87
C GLU A 483 -4.79 37.58 -4.03
N ALA A 484 -4.18 37.87 -5.18
CA ALA A 484 -3.66 39.20 -5.46
C ALA A 484 -4.80 40.20 -5.51
N GLU A 485 -5.93 39.76 -6.03
CA GLU A 485 -7.13 40.61 -6.11
C GLU A 485 -7.64 40.99 -4.72
N ASN A 486 -7.68 40.00 -3.83
CA ASN A 486 -8.19 40.22 -2.49
C ASN A 486 -7.25 41.08 -1.63
N LEU A 487 -5.95 40.90 -1.82
CA LEU A 487 -4.95 41.62 -1.04
C LEU A 487 -4.88 43.10 -1.38
N TYR A 488 -4.61 43.40 -2.65
CA TYR A 488 -4.39 44.76 -3.11
C TYR A 488 -5.53 45.23 -3.99
P PO4 B . -10.35 -26.46 0.91
O1 PO4 B . -9.83 -25.80 2.17
O2 PO4 B . -11.02 -25.44 0.03
O3 PO4 B . -11.38 -27.50 1.27
O4 PO4 B . -9.23 -27.15 0.19
P PO4 C . -13.94 -16.52 -12.40
O1 PO4 C . -14.40 -16.52 -10.97
O2 PO4 C . -12.47 -16.16 -12.46
O3 PO4 C . -14.74 -15.52 -13.20
O4 PO4 C . -14.13 -17.89 -13.00
P PO4 D . 2.95 -2.38 -1.88
O1 PO4 D . 2.38 -1.04 -2.21
O2 PO4 D . 2.44 -2.75 -0.50
O3 PO4 D . 4.47 -2.29 -1.87
O4 PO4 D . 2.51 -3.41 -2.89
P PO4 E . -9.20 12.39 15.27
O1 PO4 E . -10.51 12.90 15.81
O2 PO4 E . -8.74 13.32 14.16
O3 PO4 E . -8.17 12.38 16.37
O4 PO4 E . -9.36 11.01 14.70
P PO4 F . 7.42 25.57 -10.36
O1 PO4 F . 7.96 26.96 -10.10
O2 PO4 F . 5.95 25.54 -10.04
O3 PO4 F . 8.16 24.58 -9.49
O4 PO4 F . 7.61 25.19 -11.81
OH2 1PE G . 8.22 19.69 -2.07
C12 1PE G . 9.56 20.09 -2.17
C22 1PE G . 10.42 18.84 -1.88
OH3 1PE G . 9.60 17.69 -2.01
C13 1PE G . 10.38 15.43 -1.72
C23 1PE G . 9.90 16.72 -1.02
OH4 1PE G . 9.33 14.48 -1.76
C14 1PE G . 6.94 14.37 -1.83
C24 1PE G . 8.20 14.98 -2.45
OH5 1PE G . 5.92 15.34 -1.84
C15 1PE G . 4.49 16.46 -0.29
C25 1PE G . 4.98 15.11 -0.84
OH6 1PE G . 3.85 17.13 -1.34
OH2 1PE H . 6.98 2.73 2.55
C12 1PE H . 7.14 2.01 1.33
C22 1PE H . 6.00 0.92 1.25
OH3 1PE H . 4.73 1.57 1.23
C13 1PE H . 2.45 1.19 0.52
C23 1PE H . 3.96 1.20 0.12
OH4 1PE H . 1.99 2.50 0.84
C14 1PE H . 0.65 3.86 2.31
C24 1PE H . 0.79 2.49 1.60
OH5 1PE H . 0.97 3.67 3.66
C15 1PE H . 1.67 4.59 5.79
C25 1PE H . 1.28 4.88 4.32
OH6 1PE H . 3.02 4.92 5.98
C16 1PE H . 3.50 2.84 7.12
C26 1PE H . 3.49 4.38 7.22
OH7 1PE H . 4.41 2.54 6.08
O22 78N I . 4.74 -7.02 -31.17
C19 78N I . 4.78 -5.84 -30.33
C18 78N I . 5.99 -4.99 -30.74
O20 78N I . 6.33 -5.30 -32.10
C17 78N I . 5.69 -3.51 -30.62
O16 78N I . 6.85 -2.87 -30.16
C8 78N I . 6.68 -2.11 -28.97
O15 78N I . 5.58 -1.86 -28.58
C7 78N I . 7.89 -1.59 -28.21
C6 78N I . 7.40 -0.58 -27.17
C5 78N I . 8.60 -0.21 -26.23
C4 78N I . 8.68 1.30 -26.13
C3 78N I . 9.59 1.69 -24.95
C2 78N I . 10.44 2.89 -25.35
C1 78N I . 11.29 3.45 -24.44
C9 78N I . 11.40 2.89 -22.98
C10 78N I . 12.75 3.26 -22.37
C11 78N I . 12.61 3.49 -20.86
C12 78N I . 14.00 3.38 -20.15
C13 78N I . 14.23 4.53 -19.16
C15 78N I . 15.60 6.65 -18.82
C14 78N I . 14.96 5.71 -19.86
O22 78N J . 20.49 -6.65 -24.81
C19 78N J . 19.33 -5.84 -25.15
C18 78N J . 19.16 -4.82 -24.02
O20 78N J . 20.41 -4.78 -23.34
C17 78N J . 18.82 -3.42 -24.52
O16 78N J . 19.12 -2.51 -23.47
C8 78N J . 18.15 -1.50 -23.25
O15 78N J . 17.30 -1.33 -24.05
C7 78N J . 18.18 -0.63 -22.00
C6 78N J . 17.12 0.48 -22.11
C5 78N J . 17.31 1.52 -20.94
C4 78N J . 18.17 2.71 -21.39
C3 78N J . 18.93 3.32 -20.18
C2 78N J . 18.34 4.66 -19.77
C1 78N J . 18.82 5.30 -18.66
C9 78N J . 19.96 4.68 -17.81
C10 78N J . 20.68 5.76 -16.98
C11 78N J . 21.61 5.08 -15.96
C12 78N J . 22.65 6.12 -15.43
C13 78N J . 22.34 6.55 -14.01
C15 78N J . 23.43 7.52 -11.91
C14 78N J . 23.65 7.06 -13.36
O21 78M K . 20.86 -12.69 -20.96
C20 78M K . 19.74 -12.32 -21.80
C18 78M K . 20.11 -11.10 -22.66
O19 78M K . 20.77 -11.53 -23.80
C17 78M K . 20.98 -10.14 -21.86
O2 78M K . 20.25 -9.00 -21.45
C1 78M K . 20.97 -8.14 -20.55
O1 78M K . 21.94 -8.56 -19.91
C2 78M K . 20.55 -6.66 -20.37
C3 78M K . 19.12 -6.59 -19.90
C4 78M K . 18.73 -5.09 -19.68
C5 78M K . 19.32 -4.62 -18.35
C6 78M K . 19.12 -3.12 -18.20
C7 78M K . 17.63 -2.84 -17.92
C8 78M K . 17.21 -1.64 -17.38
C9 78M K . 18.16 -0.53 -17.06
C10 78M K . 17.28 0.70 -16.68
C11 78M K . 18.12 1.86 -16.02
C12 78M K . 17.94 1.84 -14.48
C13 78M K . 17.38 3.23 -14.01
C15 78M K . 18.32 3.99 -11.80
C14 78M K . 18.50 4.05 -13.32
O22 78N L . 19.79 -14.37 -18.01
C19 78N L . 20.87 -14.41 -17.04
C18 78N L . 20.35 -14.91 -15.67
O20 78N L . 20.36 -16.34 -15.62
C17 78N L . 21.26 -14.38 -14.57
O16 78N L . 21.35 -12.97 -14.63
C8 78N L . 21.70 -12.42 -13.37
O15 78N L . 22.25 -13.11 -12.56
C7 78N L . 21.37 -10.96 -13.05
C6 78N L . 21.45 -10.76 -11.52
C5 78N L . 20.32 -11.58 -10.79
C4 78N L . 19.46 -10.63 -9.96
C3 78N L . 18.50 -11.42 -9.06
C2 78N L . 17.12 -10.79 -9.15
C1 78N L . 16.34 -10.68 -8.06
C9 78N L . 16.81 -11.19 -6.66
C10 78N L . 16.69 -10.04 -5.67
C11 78N L . 17.25 -10.41 -4.30
C12 78N L . 17.47 -9.11 -3.47
C13 78N L . 18.89 -8.59 -3.73
C15 78N L . 21.14 -8.09 -2.72
C14 78N L . 19.78 -8.79 -2.49
O22 78N M . 3.18 -28.54 6.06
C19 78N M . 2.25 -28.98 7.08
C18 78N M . 1.56 -27.75 7.70
O20 78N M . 0.81 -28.11 8.86
C17 78N M . 2.62 -26.69 8.05
O16 78N M . 3.16 -26.86 9.34
C8 78N M . 2.67 -25.93 10.28
O15 78N M . 1.50 -25.75 10.37
C7 78N M . 3.62 -25.16 11.19
C6 78N M . 2.96 -24.87 12.55
C5 78N M . 2.87 -23.31 12.83
C4 78N M . 3.73 -22.96 14.05
C3 78N M . 3.04 -21.86 14.91
C2 78N M . 2.73 -20.65 14.06
C1 78N M . 2.53 -19.43 14.65
C9 78N M . 2.61 -19.26 16.19
C10 78N M . 2.50 -17.78 16.56
C11 78N M . 2.02 -17.65 18.01
C12 78N M . 0.50 -17.97 18.12
C13 78N M . 0.16 -18.50 19.51
C15 78N M . 0.45 -18.13 22.00
C14 78N M . 0.69 -17.53 20.60
O22 78N N . -10.67 -24.89 7.29
C19 78N N . -11.59 -24.41 6.28
C18 78N N . -11.90 -22.93 6.50
O20 78N N . -13.22 -22.77 7.01
C17 78N N . -10.90 -22.34 7.48
O16 78N N . -11.02 -20.93 7.52
C8 78N N . -10.83 -20.37 8.81
O15 78N N . -10.48 -21.07 9.71
C7 78N N . -11.07 -18.89 9.06
C6 78N N . -11.23 -18.66 10.58
C5 78N N . -11.14 -17.13 10.90
C4 78N N . -12.26 -16.37 10.19
C3 78N N . -12.25 -14.90 10.67
C2 78N N . -13.25 -14.10 9.87
C1 78N N . -13.61 -12.85 10.29
C9 78N N . -13.00 -12.24 11.58
C10 78N N . -13.66 -10.89 11.85
C11 78N N . -12.76 -10.04 12.77
C12 78N N . -13.04 -10.43 14.24
C13 78N N . -12.77 -9.23 15.16
C15 78N N . -13.08 -6.76 15.45
C14 78N N . -13.36 -7.95 14.53
O22 78N O . -14.03 -23.57 -1.27
C19 78N O . -14.22 -22.15 -1.49
C18 78N O . -13.66 -21.74 -2.87
O20 78N O . -13.51 -22.88 -3.72
C17 78N O . -14.63 -20.75 -3.50
O16 78N O . -13.92 -19.66 -4.07
C8 78N O . -13.55 -18.66 -3.14
O15 78N O . -14.03 -18.64 -2.05
C7 78N O . -12.51 -17.63 -3.53
C6 78N O . -11.80 -17.20 -2.23
C5 78N O . -11.16 -15.79 -2.46
C4 78N O . -11.75 -14.80 -1.48
C3 78N O . -11.21 -13.40 -1.82
C2 78N O . -12.37 -12.52 -2.22
C1 78N O . -12.26 -11.17 -2.34
C9 78N O . -10.90 -10.47 -2.07
C10 78N O . -10.87 -9.95 -0.64
C11 78N O . -11.72 -8.69 -0.47
C12 78N O . -12.67 -8.87 0.75
C13 78N O . -12.81 -7.56 1.52
C15 78N O . -14.20 -6.28 3.22
C14 78N O . -14.11 -7.56 2.37
O22 78N P . -19.03 -17.62 -6.21
C19 78N P . -18.57 -16.30 -5.82
C18 78N P . -18.47 -16.21 -4.29
O20 78N P . -18.83 -17.46 -3.72
C17 78N P . -17.06 -15.84 -3.87
O16 78N P . -17.06 -14.65 -3.11
C8 78N P . -16.20 -14.66 -1.98
O15 78N P . -15.84 -15.69 -1.50
C7 78N P . -15.69 -13.35 -1.40
C6 78N P . -16.83 -12.32 -1.47
C5 78N P . -16.26 -10.91 -1.07
C4 78N P . -17.42 -9.97 -0.72
C3 78N P . -16.96 -8.98 0.37
C2 78N P . -18.16 -8.22 0.90
C1 78N P . -18.31 -8.01 2.24
C9 78N P . -17.26 -8.53 3.25
C10 78N P . -17.79 -8.46 4.69
C11 78N P . -16.63 -8.66 5.68
C12 78N P . -17.05 -9.61 6.83
C13 78N P . -16.15 -9.36 8.04
C15 78N P . -16.64 -9.18 10.51
C14 78N P . -16.72 -10.10 9.28
O22 78N Q . -20.76 -9.67 -13.57
C19 78N Q . -21.55 -8.95 -12.60
C18 78N Q . -20.76 -7.74 -12.05
O20 78N Q . -19.77 -7.35 -13.00
C17 78N Q . -21.69 -6.57 -11.79
O16 78N Q . -20.98 -5.48 -11.24
C8 78N Q . -21.52 -5.09 -9.98
O15 78N Q . -22.02 -5.92 -9.28
C7 78N Q . -21.51 -3.65 -9.50
C6 78N Q . -21.91 -3.63 -8.02
C5 78N Q . -23.25 -2.81 -7.82
C4 78N Q . -22.97 -1.34 -8.13
C3 78N Q . -22.95 -0.52 -6.82
C2 78N Q . -23.31 0.93 -7.10
C1 78N Q . -23.12 1.91 -6.16
C9 78N Q . -22.54 1.62 -4.75
C10 78N Q . -21.41 2.61 -4.40
C11 78N Q . -21.89 3.70 -3.43
C12 78N Q . -20.87 3.84 -2.26
C13 78N Q . -20.85 5.27 -1.73
C15 78N Q . -19.46 6.93 -0.43
C14 78N Q . -19.65 5.45 -0.77
O22 78N R . -12.32 -9.21 -11.84
C19 78N R . -13.23 -8.14 -12.20
C18 78N R . -13.39 -8.05 -13.74
O20 78N R . -14.78 -8.13 -14.11
C17 78N R . -12.75 -6.75 -14.23
O16 78N R . -13.29 -6.28 -15.45
C8 78N R . -12.33 -5.87 -16.41
O15 78N R . -11.45 -6.62 -16.73
C7 78N R . -12.39 -4.49 -17.06
C6 78N R . -11.08 -3.73 -16.76
C5 78N R . -10.62 -2.89 -18.02
C4 78N R . -11.39 -1.57 -18.07
C3 78N R . -10.82 -0.57 -17.03
C2 78N R . -11.84 -0.41 -15.93
C1 78N R . -11.84 0.68 -15.14
C9 78N R . -10.78 1.79 -15.34
C10 78N R . -11.46 3.13 -15.08
C11 78N R . -12.19 3.15 -13.73
C12 78N R . -11.78 4.43 -12.96
C13 78N R . -12.82 5.54 -13.13
C15 78N R . -13.72 7.69 -12.12
C14 78N R . -12.66 6.59 -12.00
O21 78M S . -4.27 -5.29 -24.92
C20 78M S . -3.42 -5.14 -23.75
C18 78M S . -4.19 -4.39 -22.67
O19 78M S . -5.48 -4.86 -22.60
C17 78M S . -4.17 -2.91 -22.97
O2 78M S . -5.19 -2.59 -23.90
C1 78M S . -5.92 -1.40 -23.58
O1 78M S . -5.37 -0.52 -22.92
C2 78M S . -7.39 -1.22 -24.05
C3 78M S . -8.13 -0.29 -23.11
C4 78M S . -8.33 -0.93 -21.68
C5 78M S . -9.45 -0.22 -20.92
C6 78M S . -8.90 0.61 -19.75
C7 78M S . -8.19 1.89 -20.28
C8 78M S . -7.85 2.97 -19.47
C9 78M S . -8.16 2.92 -18.01
C10 78M S . -7.43 4.08 -17.26
C11 78M S . -8.25 4.41 -15.96
C12 78M S . -7.58 5.56 -15.17
C13 78M S . -8.14 6.95 -15.64
C15 78M S . -7.52 9.41 -15.55
C14 78M S . -7.45 8.07 -14.82
O22 78N T . 1.67 -0.53 24.36
C19 78N T . 2.24 -1.62 25.13
C18 78N T . 1.11 -2.48 25.75
O20 78N T . 1.04 -2.30 27.17
C17 78N T . -0.23 -2.16 25.11
O16 78N T . -0.93 -3.38 24.92
C8 78N T . -2.34 -3.32 25.12
O15 78N T . -2.84 -2.25 25.28
C7 78N T . -3.20 -4.57 25.13
C6 78N T . -2.56 -5.67 26.00
C5 78N T . -3.60 -6.82 26.15
C4 78N T . -2.90 -8.03 26.79
C3 78N T . -3.73 -9.29 26.48
C2 78N T . -2.88 -10.53 26.78
C1 78N T . -2.92 -11.60 25.93
C9 78N T . -3.81 -11.57 24.65
C10 78N T . -3.63 -12.87 23.86
C11 78N T . -4.23 -12.73 22.46
C12 78N T . -4.73 -14.11 21.97
C13 78N T . -4.13 -14.45 20.60
C15 78N T . -6.36 -15.41 19.84
C14 78N T . -4.84 -15.66 19.94
O22 78N U . -18.46 8.24 25.86
C19 78N U . -17.08 7.88 25.58
C18 78N U . -17.02 7.26 24.17
O20 78N U . -15.65 7.07 23.76
C17 78N U . -17.71 5.91 24.20
O16 78N U . -16.71 4.92 24.18
C8 78N U . -16.93 3.91 23.23
O15 78N U . -16.75 2.76 23.53
C7 78N U . -17.39 4.28 21.84
C6 78N U . -18.72 3.59 21.55
C5 78N U . -18.56 2.84 20.17
C4 78N U . -19.64 3.31 19.20
C3 78N U . -18.99 3.38 17.80
C2 78N U . -19.92 2.78 16.76
C1 78N U . -19.40 2.19 15.65
C9 78N U . -17.85 2.13 15.43
C10 78N U . -17.54 1.17 14.29
C11 78N U . -18.11 -0.22 14.61
C12 78N U . -18.22 -1.08 13.30
C13 78N U . -18.75 -2.47 13.62
C15 78N U . -16.48 -3.56 13.65
C14 78N U . -17.72 -3.23 14.49
O22 78N V . -19.35 5.04 30.08
C19 78N V . -20.12 4.14 29.25
C18 78N V . -20.42 4.79 27.87
O20 78N V . -19.21 5.13 27.21
C17 78N V . -21.22 3.79 27.04
O16 78N V . -21.06 4.00 25.65
C8 78N V . -21.07 2.77 24.96
O15 78N V . -20.10 2.07 24.99
C7 78N V . -22.30 2.31 24.21
C6 78N V . -22.48 3.08 22.90
C5 78N V . -23.51 2.27 22.04
C4 78N V . -22.91 0.91 21.76
C3 78N V . -22.90 0.64 20.24
C2 78N V . -22.05 -0.59 20.02
C1 78N V . -21.67 -0.97 18.78
C9 78N V . -22.06 -0.15 17.53
C10 78N V . -21.81 -1.00 16.29
C11 78N V . -23.12 -1.62 15.79
C12 78N V . -23.24 -1.42 14.24
C13 78N V . -22.40 -2.44 13.50
C15 78N V . -22.60 -4.67 12.36
C14 78N V . -23.31 -3.34 12.64
O22 78N W . -9.14 11.29 11.11
C19 78N W . -9.72 10.16 10.43
C18 78N W . -10.59 10.64 9.25
O20 78N W . -10.18 10.02 8.03
C17 78N W . -12.04 10.29 9.53
O16 78N W . -12.35 9.03 8.97
C8 78N W . -13.65 8.60 9.30
O15 78N W . -14.60 8.98 8.68
C7 78N W . -13.86 7.66 10.47
C6 78N W . -14.83 6.52 10.09
C5 78N W . -15.59 6.05 11.38
C4 78N W . -16.06 4.61 11.24
C3 78N W . -16.58 4.42 9.79
C2 78N W . -17.94 5.09 9.65
C1 78N W . -18.61 5.10 8.48
C9 78N W . -17.98 4.42 7.23
C10 78N W . -18.65 3.08 6.95
C11 78N W . -18.29 2.02 8.00
C12 78N W . -17.52 0.86 7.30
C13 78N W . -16.86 -0.04 8.36
C15 78N W . -15.42 -2.11 8.26
C14 78N W . -16.78 -1.51 7.88
O22 78N X . -10.10 11.84 6.22
C19 78N X . -10.02 11.21 4.92
C18 78N X . -11.31 10.42 4.62
O20 78N X . -11.53 10.38 3.21
C17 78N X . -11.18 9.01 5.15
O16 78N X . -11.72 8.06 4.24
C8 78N X . -13.01 7.57 4.59
O15 78N X . -13.97 8.24 4.38
C7 78N X . -13.19 6.19 5.22
C6 78N X . -14.08 5.30 4.32
C5 78N X . -15.59 5.50 4.69
C4 78N X . -16.44 4.35 4.13
C3 78N X . -17.25 4.81 2.88
C2 78N X . -18.74 4.73 3.11
C1 78N X . -19.46 3.63 2.73
C9 78N X . -18.78 2.41 2.03
C10 78N X . -19.47 1.13 2.50
C11 78N X . -18.43 0.04 2.82
C12 78N X . -18.99 -0.81 4.01
C13 78N X . -18.62 -2.29 3.85
C15 78N X . -18.38 -4.38 5.23
C14 78N X . -19.11 -3.05 5.11
#